data_9DH4
#
_entry.id   9DH4
#
_cell.length_a   133.452
_cell.length_b   133.452
_cell.length_c   110.283
_cell.angle_alpha   90.00
_cell.angle_beta   90.00
_cell.angle_gamma   90.00
#
_symmetry.space_group_name_H-M   'P 41 21 2'
#
loop_
_entity.id
_entity.type
_entity.pdbx_description
1 polymer 'L-tyrosine/L-tryptophan isonitrile synthase family protein'
2 non-polymer 'PHOSPHATE ION'
3 non-polymer TYROSINE
#
_entity_poly.entity_id   1
_entity_poly.type   'polypeptide(L)'
_entity_poly.pdbx_seq_one_letter_code
;SENVSLNNISMQILRELLQYRRHLTDPVKNSAKEEEIIKTVQLPRIEYFIKNKKPIEFILPAFPTKSPNINKVLGTAPDM
AERLSLIFLNSFCQRIQLYYPPGARIIICSDGHVFGDLIHVSDEVISQYHEDIKQLLHEVGAINLSTFNLNDDKELCEHS
DDFNLQRQMLVKHYARSEASIKDELLQNNNGLQLYRAVTRFLYEDSLLPGYTGSNNALQKDAKQRAIGVIQRSWAWGSLL
DTHFPKAIRLSIHPQPADSIKFGIHMMPTRDDWLTPWHGVAANVNGQFILMKHKEVQMMGGKLVNIHGKPSHYVI
;
_entity_poly.pdbx_strand_id   A,B
#
# COMPACT_ATOMS: atom_id res chain seq x y z
N SER A 1 35.69 0.09 12.09
CA SER A 1 35.85 0.45 10.68
C SER A 1 34.50 0.94 10.09
N GLU A 2 34.42 1.10 8.76
CA GLU A 2 33.16 1.46 8.08
C GLU A 2 32.27 0.28 7.74
N ASN A 3 32.80 -0.96 7.75
CA ASN A 3 31.93 -2.13 7.59
C ASN A 3 30.80 -2.10 8.61
N VAL A 4 31.02 -1.40 9.73
CA VAL A 4 30.00 -1.30 10.78
C VAL A 4 28.79 -0.55 10.25
N SER A 5 29.00 0.49 9.45
CA SER A 5 27.87 1.16 8.82
C SER A 5 27.19 0.23 7.81
N LEU A 6 27.97 -0.41 6.93
CA LEU A 6 27.40 -1.27 5.89
C LEU A 6 26.72 -2.49 6.49
N ASN A 7 27.39 -3.14 7.46
CA ASN A 7 26.78 -4.31 8.06
C ASN A 7 25.47 -3.97 8.75
N ASN A 8 25.34 -2.75 9.26
CA ASN A 8 24.08 -2.35 9.89
C ASN A 8 22.97 -2.15 8.87
N ILE A 9 23.27 -1.65 7.67
CA ILE A 9 22.19 -1.49 6.70
C ILE A 9 21.75 -2.83 6.14
N SER A 10 22.70 -3.71 5.81
CA SER A 10 22.31 -4.98 5.22
C SER A 10 21.46 -5.81 6.17
N MET A 11 21.79 -5.79 7.47
CA MET A 11 21.06 -6.60 8.44
C MET A 11 19.61 -6.13 8.59
N GLN A 12 19.37 -4.83 8.58
CA GLN A 12 18.01 -4.34 8.75
C GLN A 12 17.13 -4.86 7.61
N ILE A 13 17.69 -4.93 6.40
CA ILE A 13 16.98 -5.48 5.23
C ILE A 13 16.69 -6.97 5.43
N LEU A 14 17.72 -7.73 5.78
CA LEU A 14 17.55 -9.17 6.02
C LEU A 14 16.51 -9.43 7.09
N ARG A 15 16.55 -8.64 8.15
CA ARG A 15 15.60 -8.82 9.25
C ARG A 15 14.17 -8.53 8.81
N GLU A 16 13.96 -7.48 8.02
CA GLU A 16 12.65 -7.20 7.44
C GLU A 16 12.19 -8.34 6.57
N LEU A 17 13.07 -8.81 5.69
CA LEU A 17 12.81 -9.99 4.87
C LEU A 17 12.31 -11.16 5.71
N LEU A 18 13.11 -11.55 6.70
CA LEU A 18 12.82 -12.77 7.49
C LEU A 18 11.43 -12.74 8.12
N GLN A 19 10.87 -11.55 8.29
CA GLN A 19 9.57 -11.46 8.94
C GLN A 19 8.52 -12.08 8.03
N TYR A 20 8.81 -12.21 6.76
CA TYR A 20 7.82 -12.73 5.79
C TYR A 20 8.38 -13.98 5.14
N ARG A 21 9.13 -14.79 5.88
CA ARG A 21 9.73 -15.96 5.25
C ARG A 21 8.68 -17.02 5.05
N ARG A 22 8.70 -17.65 3.87
CA ARG A 22 7.86 -18.80 3.57
C ARG A 22 8.71 -20.03 3.81
N HIS A 23 8.26 -20.93 4.68
CA HIS A 23 9.04 -22.15 4.90
C HIS A 23 8.13 -23.31 5.27
N LEU A 24 8.68 -24.51 5.08
CA LEU A 24 7.98 -25.70 5.53
C LEU A 24 7.91 -25.47 7.02
N THR A 25 6.72 -25.54 7.60
CA THR A 25 6.58 -25.18 8.99
C THR A 25 6.60 -26.54 9.71
N ASP A 26 7.63 -26.77 10.52
CA ASP A 26 7.87 -28.00 11.26
C ASP A 26 8.58 -27.73 12.58
N PRO A 27 7.96 -28.07 13.72
CA PRO A 27 8.47 -27.58 15.02
C PRO A 27 9.80 -28.19 15.43
N VAL A 28 10.18 -29.35 14.91
CA VAL A 28 11.42 -29.97 15.31
C VAL A 28 12.62 -29.17 14.83
N LYS A 29 12.39 -28.17 13.97
CA LYS A 29 13.44 -27.31 13.43
C LYS A 29 13.85 -26.22 14.43
N ASN A 30 15.16 -26.05 14.59
CA ASN A 30 15.68 -24.92 15.35
C ASN A 30 15.66 -23.73 14.43
N SER A 31 14.54 -22.98 14.47
CA SER A 31 14.43 -21.78 13.66
C SER A 31 15.65 -20.89 13.82
N ALA A 32 16.18 -20.78 15.04
CA ALA A 32 17.31 -19.90 15.30
C ALA A 32 18.49 -20.24 14.42
N LYS A 33 18.84 -21.53 14.32
CA LYS A 33 19.98 -21.91 13.47
C LYS A 33 19.65 -21.77 11.98
N GLU A 34 18.39 -21.98 11.59
CA GLU A 34 17.99 -21.74 10.20
C GLU A 34 18.34 -20.32 9.77
N GLU A 35 17.98 -19.35 10.60
CA GLU A 35 18.21 -17.95 10.30
C GLU A 35 19.69 -17.65 10.32
N GLU A 36 20.39 -18.17 11.33
CA GLU A 36 21.84 -18.00 11.35
C GLU A 36 22.45 -18.51 10.07
N ILE A 37 21.86 -19.54 9.46
CA ILE A 37 22.34 -20.01 8.17
C ILE A 37 22.02 -19.00 7.09
N ILE A 38 20.80 -18.46 7.09
CA ILE A 38 20.40 -17.53 6.02
C ILE A 38 21.16 -16.22 6.10
N LYS A 39 21.47 -15.74 7.32
CA LYS A 39 22.34 -14.57 7.46
C LYS A 39 23.56 -14.65 6.57
N THR A 40 24.28 -15.76 6.68
CA THR A 40 25.45 -15.99 5.85
C THR A 40 25.12 -16.07 4.37
N VAL A 41 23.91 -16.55 4.03
CA VAL A 41 23.58 -16.79 2.63
C VAL A 41 23.33 -15.43 1.97
N GLN A 42 22.53 -14.59 2.60
CA GLN A 42 22.03 -13.47 1.84
C GLN A 42 22.78 -12.18 2.11
N LEU A 43 23.26 -11.98 3.34
CA LEU A 43 23.99 -10.75 3.67
C LEU A 43 25.03 -10.38 2.64
N PRO A 44 25.93 -11.27 2.20
CA PRO A 44 26.86 -10.87 1.14
C PRO A 44 26.18 -10.43 -0.13
N ARG A 45 25.12 -11.13 -0.57
CA ARG A 45 24.43 -10.78 -1.81
C ARG A 45 23.77 -9.40 -1.69
N ILE A 46 23.31 -9.06 -0.48
CA ILE A 46 22.73 -7.76 -0.23
C ILE A 46 23.80 -6.68 -0.22
N GLU A 47 24.89 -6.91 0.52
CA GLU A 47 25.95 -5.92 0.64
C GLU A 47 26.56 -5.59 -0.70
N TYR A 48 26.35 -6.44 -1.70
CA TYR A 48 26.87 -6.08 -3.04
C TYR A 48 26.30 -4.72 -3.43
N PHE A 49 24.98 -4.61 -3.43
CA PHE A 49 24.34 -3.36 -3.89
C PHE A 49 24.76 -2.21 -2.97
N ILE A 50 24.80 -2.46 -1.67
CA ILE A 50 25.11 -1.34 -0.73
C ILE A 50 26.51 -0.80 -1.02
N LYS A 51 27.51 -1.68 -1.11
CA LYS A 51 28.90 -1.23 -1.34
C LYS A 51 28.88 -0.34 -2.59
N ASN A 52 28.19 -0.79 -3.62
CA ASN A 52 28.11 -0.05 -4.91
C ASN A 52 27.20 1.18 -4.77
N LYS A 53 26.45 1.28 -3.67
CA LYS A 53 25.45 2.38 -3.53
C LYS A 53 24.44 2.27 -4.67
N LYS A 54 24.05 1.05 -5.01
CA LYS A 54 23.05 0.80 -6.06
C LYS A 54 21.77 0.34 -5.37
N PRO A 55 20.56 0.62 -5.92
CA PRO A 55 19.35 0.15 -5.31
C PRO A 55 19.36 -1.38 -5.31
N ILE A 56 18.89 -1.99 -4.23
CA ILE A 56 18.92 -3.48 -4.09
C ILE A 56 17.83 -4.08 -4.97
N GLU A 57 18.16 -5.12 -5.73
CA GLU A 57 17.14 -5.66 -6.63
C GLU A 57 16.84 -7.12 -6.35
N PHE A 58 15.57 -7.45 -6.48
CA PHE A 58 15.04 -8.78 -6.25
C PHE A 58 14.40 -9.26 -7.54
N ILE A 59 14.52 -10.54 -7.86
CA ILE A 59 13.71 -11.18 -8.90
C ILE A 59 12.80 -12.17 -8.21
N LEU A 60 11.58 -12.26 -8.69
CA LEU A 60 10.58 -13.14 -8.16
C LEU A 60 9.78 -13.72 -9.32
N PRO A 61 9.84 -15.04 -9.62
CA PRO A 61 8.98 -15.62 -10.65
C PRO A 61 7.59 -15.82 -10.05
N ALA A 62 6.56 -15.11 -10.54
CA ALA A 62 5.24 -15.25 -9.89
C ALA A 62 4.07 -14.86 -10.80
N PHE A 63 2.83 -15.04 -10.32
CA PHE A 63 1.59 -14.61 -11.04
C PHE A 63 1.43 -15.17 -12.46
N PRO A 64 1.89 -16.42 -12.80
CA PRO A 64 1.75 -16.86 -14.33
C PRO A 64 0.15 -16.87 -14.82
N THR A 65 -0.86 -17.38 -14.10
CA THR A 65 -2.25 -17.40 -14.60
C THR A 65 -3.17 -17.67 -13.39
N LYS A 66 -4.47 -17.42 -13.51
CA LYS A 66 -5.37 -17.81 -12.40
C LYS A 66 -5.75 -19.29 -12.56
N SER A 67 -5.79 -20.07 -11.47
CA SER A 67 -6.09 -21.52 -11.55
C SER A 67 -7.48 -21.69 -12.15
N PRO A 68 -7.70 -22.59 -13.13
CA PRO A 68 -9.02 -22.67 -13.78
C PRO A 68 -10.10 -23.34 -12.95
N ASN A 69 -9.76 -23.98 -11.84
CA ASN A 69 -10.72 -24.62 -10.93
C ASN A 69 -11.40 -23.55 -10.11
N ILE A 70 -12.65 -23.26 -10.46
CA ILE A 70 -13.40 -22.24 -9.74
C ILE A 70 -13.77 -22.81 -8.38
N ASN A 71 -13.37 -24.05 -8.12
CA ASN A 71 -13.42 -24.56 -6.76
C ASN A 71 -12.43 -23.78 -5.87
N LYS A 72 -11.30 -23.36 -6.44
CA LYS A 72 -10.30 -22.60 -5.69
C LYS A 72 -10.45 -21.09 -5.89
N VAL A 73 -10.62 -20.65 -7.14
CA VAL A 73 -10.58 -19.18 -7.42
C VAL A 73 -11.90 -18.61 -7.95
N LEU A 74 -12.17 -17.33 -7.66
CA LEU A 74 -13.39 -16.64 -8.13
C LEU A 74 -13.44 -16.49 -9.65
N GLY A 75 -12.34 -16.11 -10.29
CA GLY A 75 -12.42 -15.80 -11.74
C GLY A 75 -11.09 -15.89 -12.46
N THR A 76 -11.11 -15.84 -13.80
CA THR A 76 -9.86 -15.82 -14.59
C THR A 76 -9.12 -14.50 -14.36
N ALA A 77 -9.87 -13.42 -14.14
CA ALA A 77 -9.28 -12.08 -13.97
C ALA A 77 -8.49 -12.01 -12.66
N PRO A 78 -7.41 -11.19 -12.56
CA PRO A 78 -6.72 -11.08 -11.29
C PRO A 78 -7.66 -10.49 -10.24
N ASP A 79 -7.70 -11.08 -9.04
CA ASP A 79 -8.61 -10.64 -7.95
C ASP A 79 -7.90 -9.72 -6.94
N MET A 80 -8.67 -9.16 -6.01
CA MET A 80 -8.10 -8.30 -4.93
C MET A 80 -6.86 -8.93 -4.32
N ALA A 81 -6.84 -10.23 -4.11
CA ALA A 81 -5.69 -10.83 -3.40
C ALA A 81 -4.32 -10.53 -4.01
N GLU A 82 -4.19 -10.65 -5.33
CA GLU A 82 -2.91 -10.19 -5.94
C GLU A 82 -2.73 -8.66 -5.75
N ARG A 83 -3.85 -7.96 -5.84
CA ARG A 83 -3.87 -6.52 -5.62
C ARG A 83 -3.17 -6.34 -4.26
N LEU A 84 -3.73 -6.93 -3.20
CA LEU A 84 -3.12 -6.83 -1.88
C LEU A 84 -1.68 -7.37 -1.86
N SER A 85 -1.40 -8.41 -2.64
CA SER A 85 -0.04 -8.91 -2.70
C SER A 85 0.86 -7.92 -3.42
N LEU A 86 0.40 -7.45 -4.59
CA LEU A 86 1.18 -6.45 -5.31
C LEU A 86 1.43 -5.23 -4.44
N ILE A 87 0.40 -4.76 -3.75
CA ILE A 87 0.55 -3.55 -2.94
C ILE A 87 1.51 -3.79 -1.78
N PHE A 88 1.54 -5.00 -1.22
CA PHE A 88 2.54 -5.31 -0.20
C PHE A 88 3.95 -5.25 -0.75
N LEU A 89 4.21 -5.92 -1.87
CA LEU A 89 5.57 -5.96 -2.37
C LEU A 89 6.11 -4.58 -2.61
N ASN A 90 5.32 -3.70 -3.25
CA ASN A 90 5.79 -2.36 -3.53
C ASN A 90 6.11 -1.59 -2.27
N SER A 91 5.29 -1.71 -1.23
CA SER A 91 5.61 -1.00 0.01
C SER A 91 6.83 -1.59 0.69
N PHE A 92 7.07 -2.89 0.56
CA PHE A 92 8.31 -3.47 1.08
C PHE A 92 9.52 -2.70 0.57
N CYS A 93 9.52 -2.35 -0.72
CA CYS A 93 10.63 -1.66 -1.38
C CYS A 93 10.67 -0.17 -1.06
N GLN A 94 9.52 0.41 -0.69
CA GLN A 94 9.56 1.77 -0.20
C GLN A 94 10.15 1.81 1.21
N ARG A 95 9.77 0.88 2.09
CA ARG A 95 10.35 0.85 3.44
C ARG A 95 11.86 0.96 3.43
N ILE A 96 12.51 0.18 2.57
CA ILE A 96 13.97 0.13 2.58
C ILE A 96 14.52 1.54 2.41
N GLN A 97 13.83 2.39 1.65
CA GLN A 97 14.26 3.77 1.50
C GLN A 97 14.41 4.44 2.87
N LEU A 98 13.61 4.04 3.86
CA LEU A 98 13.71 4.69 5.17
C LEU A 98 15.06 4.42 5.81
N TYR A 99 15.68 3.28 5.52
CA TYR A 99 17.06 3.11 5.95
C TYR A 99 18.02 3.57 4.86
N TYR A 100 17.83 3.02 3.66
CA TYR A 100 18.78 3.02 2.54
C TYR A 100 18.18 3.72 1.35
N PRO A 101 18.52 4.97 1.14
CA PRO A 101 17.78 5.84 0.22
C PRO A 101 17.67 5.36 -1.22
N PRO A 102 18.65 4.63 -1.80
CA PRO A 102 18.44 4.19 -3.19
C PRO A 102 17.20 3.34 -3.30
N GLY A 103 16.90 2.59 -2.25
CA GLY A 103 15.66 1.84 -2.18
C GLY A 103 15.87 0.43 -2.62
N ALA A 104 14.81 -0.17 -3.16
CA ALA A 104 14.87 -1.52 -3.66
C ALA A 104 13.87 -1.67 -4.79
N ARG A 105 14.15 -2.59 -5.72
CA ARG A 105 13.18 -2.86 -6.77
C ARG A 105 12.97 -4.36 -6.87
N ILE A 106 11.80 -4.77 -7.34
CA ILE A 106 11.44 -6.19 -7.55
C ILE A 106 10.98 -6.39 -8.98
N ILE A 107 11.65 -7.29 -9.68
CA ILE A 107 11.29 -7.65 -11.03
C ILE A 107 10.44 -8.90 -10.95
N ILE A 108 9.13 -8.72 -11.08
CA ILE A 108 8.22 -9.89 -11.05
C ILE A 108 8.30 -10.55 -12.41
N CYS A 109 8.79 -11.78 -12.49
CA CYS A 109 8.96 -12.38 -13.82
C CYS A 109 7.80 -13.35 -14.03
N SER A 110 6.97 -13.11 -15.05
CA SER A 110 5.78 -13.95 -15.22
C SER A 110 6.26 -15.30 -15.77
N ASP A 111 5.74 -16.40 -15.24
CA ASP A 111 6.05 -17.75 -15.76
C ASP A 111 4.77 -18.35 -16.41
N GLY A 112 3.83 -17.47 -16.77
CA GLY A 112 2.52 -17.97 -17.22
C GLY A 112 2.65 -18.71 -18.55
N HIS A 113 3.46 -18.22 -19.47
CA HIS A 113 3.46 -18.86 -20.81
C HIS A 113 4.43 -20.04 -20.86
N VAL A 114 5.24 -20.20 -19.81
CA VAL A 114 6.24 -21.26 -19.90
C VAL A 114 5.60 -22.64 -19.80
N PHE A 115 4.71 -22.83 -18.83
CA PHE A 115 4.04 -24.09 -18.66
C PHE A 115 2.58 -24.06 -19.10
N GLY A 116 2.19 -23.02 -19.83
CA GLY A 116 0.78 -22.84 -20.21
C GLY A 116 0.15 -24.04 -20.87
N ASP A 117 0.93 -24.83 -21.62
CA ASP A 117 0.40 -26.06 -22.22
C ASP A 117 -0.03 -27.03 -21.13
N LEU A 118 0.84 -27.27 -20.13
CA LEU A 118 0.60 -28.28 -19.12
C LEU A 118 -0.45 -27.86 -18.11
N ILE A 119 -0.89 -26.61 -18.10
CA ILE A 119 -1.92 -26.20 -17.14
C ILE A 119 -3.31 -26.27 -17.74
N HIS A 120 -3.42 -26.50 -19.04
CA HIS A 120 -4.71 -26.41 -19.69
C HIS A 120 -5.34 -25.04 -19.46
N VAL A 121 -4.53 -24.01 -19.68
CA VAL A 121 -4.97 -22.63 -19.64
C VAL A 121 -4.46 -21.94 -20.90
N SER A 122 -5.40 -21.38 -21.67
CA SER A 122 -5.05 -20.91 -23.01
C SER A 122 -3.91 -19.90 -22.98
N ASP A 123 -3.08 -19.91 -24.04
CA ASP A 123 -2.08 -18.85 -24.19
C ASP A 123 -2.75 -17.50 -24.34
N GLU A 124 -3.97 -17.51 -24.87
CA GLU A 124 -4.76 -16.29 -24.94
C GLU A 124 -5.12 -15.80 -23.55
N VAL A 125 -5.64 -16.71 -22.72
CA VAL A 125 -6.00 -16.36 -21.35
C VAL A 125 -4.79 -15.84 -20.59
N ILE A 126 -3.68 -16.60 -20.65
CA ILE A 126 -2.45 -16.20 -19.99
C ILE A 126 -2.09 -14.78 -20.35
N SER A 127 -2.01 -14.48 -21.66
CA SER A 127 -1.58 -13.15 -22.06
C SER A 127 -2.48 -12.06 -21.46
N GLN A 128 -3.79 -12.34 -21.29
CA GLN A 128 -4.64 -11.32 -20.71
C GLN A 128 -4.39 -11.17 -19.22
N TYR A 129 -4.24 -12.28 -18.50
CA TYR A 129 -3.85 -12.17 -17.09
C TYR A 129 -2.59 -11.34 -16.91
N HIS A 130 -1.61 -11.50 -17.80
CA HIS A 130 -0.41 -10.69 -17.72
C HIS A 130 -0.73 -9.21 -17.92
N GLU A 131 -1.38 -8.89 -19.04
CA GLU A 131 -1.68 -7.50 -19.34
C GLU A 131 -2.42 -6.86 -18.18
N ASP A 132 -3.32 -7.61 -17.54
CA ASP A 132 -4.04 -7.11 -16.38
C ASP A 132 -3.10 -6.89 -15.20
N ILE A 133 -2.14 -7.79 -14.95
CA ILE A 133 -1.32 -7.51 -13.78
C ILE A 133 -0.39 -6.34 -14.02
N LYS A 134 0.02 -6.10 -15.26
CA LYS A 134 0.63 -4.80 -15.52
C LYS A 134 -0.36 -3.68 -15.20
N GLN A 135 -1.61 -3.86 -15.60
CA GLN A 135 -2.65 -2.87 -15.33
C GLN A 135 -2.72 -2.54 -13.86
N LEU A 136 -2.71 -3.56 -12.99
CA LEU A 136 -2.80 -3.35 -11.56
C LEU A 136 -1.69 -2.45 -11.05
N LEU A 137 -0.47 -2.67 -11.53
CA LEU A 137 0.66 -1.90 -11.05
C LEU A 137 0.39 -0.41 -11.20
N HIS A 138 -0.06 0.00 -12.38
CA HIS A 138 -0.30 1.43 -12.60
C HIS A 138 -1.49 1.89 -11.79
N GLU A 139 -2.57 1.13 -11.76
CA GLU A 139 -3.67 1.55 -10.84
C GLU A 139 -3.07 1.70 -9.44
N VAL A 140 -2.34 0.68 -8.99
CA VAL A 140 -1.67 0.69 -7.65
C VAL A 140 -0.60 1.77 -7.57
N GLY A 141 0.02 2.16 -8.69
CA GLY A 141 1.18 3.07 -8.61
C GLY A 141 2.33 2.40 -7.89
N ALA A 142 2.52 1.11 -8.14
CA ALA A 142 3.63 0.35 -7.53
C ALA A 142 4.91 0.54 -8.37
N ILE A 143 5.58 1.67 -8.19
CA ILE A 143 6.79 2.01 -9.00
C ILE A 143 7.95 1.03 -8.76
N ASN A 144 8.19 0.61 -7.52
CA ASN A 144 9.41 -0.21 -7.24
C ASN A 144 9.29 -1.58 -7.91
N LEU A 145 8.15 -1.89 -8.52
CA LEU A 145 7.92 -3.16 -9.17
C LEU A 145 7.89 -2.98 -10.69
N SER A 146 8.47 -3.92 -11.43
CA SER A 146 8.38 -3.99 -12.89
C SER A 146 8.15 -5.43 -13.32
N THR A 147 7.90 -5.63 -14.62
CA THR A 147 7.55 -6.99 -15.11
C THR A 147 8.59 -7.55 -16.10
N PHE A 148 8.85 -8.86 -16.04
CA PHE A 148 9.78 -9.52 -17.01
C PHE A 148 9.02 -10.65 -17.71
N ASN A 149 9.18 -10.78 -19.02
CA ASN A 149 8.37 -11.77 -19.79
C ASN A 149 9.26 -12.56 -20.75
N LEU A 150 8.77 -13.70 -21.23
CA LEU A 150 9.53 -14.57 -22.16
C LEU A 150 9.84 -13.77 -23.41
N ASN A 151 8.90 -12.93 -23.85
CA ASN A 151 9.04 -12.16 -25.11
C ASN A 151 10.27 -11.26 -24.96
N ASP A 152 10.56 -10.76 -23.75
CA ASP A 152 11.66 -9.78 -23.59
C ASP A 152 12.99 -10.38 -24.09
N ASP A 153 13.31 -11.63 -23.77
CA ASP A 153 14.63 -12.20 -24.15
C ASP A 153 14.93 -12.20 -25.66
N LYS A 154 15.97 -11.47 -26.10
CA LYS A 154 16.43 -11.51 -27.51
C LYS A 154 16.58 -12.97 -27.93
N GLU A 155 17.17 -13.81 -27.07
CA GLU A 155 17.46 -15.21 -27.45
C GLU A 155 16.16 -15.99 -27.61
N LEU A 156 15.07 -15.48 -27.04
CA LEU A 156 13.75 -16.16 -27.12
C LEU A 156 13.19 -15.96 -28.53
N CYS A 157 12.22 -16.79 -28.91
CA CYS A 157 11.64 -16.71 -30.28
C CYS A 157 11.49 -15.25 -30.69
N GLU A 158 11.81 -14.96 -31.94
CA GLU A 158 11.79 -13.54 -32.37
C GLU A 158 10.35 -13.06 -32.25
N HIS A 159 10.18 -11.81 -31.80
CA HIS A 159 8.81 -11.24 -31.62
C HIS A 159 8.00 -12.06 -30.61
N SER A 160 6.76 -12.42 -30.95
CA SER A 160 5.83 -13.04 -29.98
C SER A 160 4.73 -13.81 -30.73
N ASP A 161 3.88 -14.52 -29.99
CA ASP A 161 2.70 -15.24 -30.59
C ASP A 161 3.38 -16.35 -31.41
N ASP A 162 4.32 -17.07 -30.80
CA ASP A 162 4.66 -18.48 -31.15
C ASP A 162 5.20 -19.04 -29.84
N PHE A 163 4.30 -19.19 -28.88
CA PHE A 163 4.69 -19.67 -27.54
C PHE A 163 5.21 -21.10 -27.63
N ASN A 164 4.60 -21.91 -28.49
CA ASN A 164 5.01 -23.33 -28.53
C ASN A 164 6.48 -23.33 -28.93
N LEU A 165 6.85 -22.48 -29.87
CA LEU A 165 8.29 -22.37 -30.21
C LEU A 165 9.02 -21.83 -28.99
N GLN A 166 8.49 -20.75 -28.38
CA GLN A 166 9.25 -20.13 -27.28
C GLN A 166 9.50 -21.19 -26.21
N ARG A 167 8.49 -22.01 -25.94
CA ARG A 167 8.62 -23.06 -24.89
C ARG A 167 9.71 -24.04 -25.34
N GLN A 168 9.71 -24.38 -26.63
CA GLN A 168 10.70 -25.38 -27.11
C GLN A 168 12.09 -24.78 -26.92
N MET A 169 12.30 -23.56 -27.39
CA MET A 169 13.62 -22.96 -27.24
C MET A 169 14.02 -22.94 -25.78
N LEU A 170 13.11 -22.52 -24.89
CA LEU A 170 13.47 -22.42 -23.48
C LEU A 170 13.90 -23.77 -22.95
N VAL A 171 13.13 -24.82 -23.23
CA VAL A 171 13.49 -26.16 -22.81
C VAL A 171 14.84 -26.55 -23.36
N LYS A 172 15.09 -26.23 -24.64
CA LYS A 172 16.33 -26.64 -25.28
C LYS A 172 17.54 -26.07 -24.53
N HIS A 173 17.61 -24.74 -24.46
CA HIS A 173 18.84 -24.07 -24.04
C HIS A 173 19.02 -24.06 -22.54
N TYR A 174 17.94 -24.07 -21.78
CA TYR A 174 18.04 -23.85 -20.34
C TYR A 174 17.45 -24.95 -19.45
N ALA A 175 16.81 -25.98 -20.00
CA ALA A 175 16.14 -26.98 -19.17
C ALA A 175 17.04 -28.19 -18.91
N ARG A 176 16.52 -29.06 -18.05
CA ARG A 176 17.12 -30.33 -17.74
C ARG A 176 16.12 -31.46 -18.05
N SER A 177 16.62 -32.69 -18.08
CA SER A 177 15.79 -33.84 -18.37
C SER A 177 14.84 -34.15 -17.22
N GLU A 178 13.58 -34.48 -17.55
CA GLU A 178 12.62 -34.91 -16.53
C GLU A 178 13.18 -36.07 -15.71
N ALA A 179 13.99 -36.93 -16.35
CA ALA A 179 14.71 -37.97 -15.62
C ALA A 179 15.65 -37.37 -14.59
N SER A 180 16.47 -36.39 -14.99
CA SER A 180 17.31 -35.77 -13.97
C SER A 180 16.46 -34.97 -12.96
N ILE A 181 15.29 -34.45 -13.36
CA ILE A 181 14.45 -33.73 -12.39
C ILE A 181 13.95 -34.68 -11.31
N LYS A 182 13.34 -35.81 -11.72
CA LYS A 182 12.84 -36.79 -10.76
C LYS A 182 13.96 -37.24 -9.80
N ASP A 183 15.16 -37.42 -10.32
CA ASP A 183 16.25 -37.91 -9.45
C ASP A 183 16.58 -36.84 -8.41
N GLU A 184 16.77 -35.60 -8.85
CA GLU A 184 17.19 -34.53 -7.91
C GLU A 184 16.13 -34.30 -6.83
N LEU A 185 14.85 -34.35 -7.21
CA LEU A 185 13.78 -34.04 -6.23
C LEU A 185 13.80 -35.07 -5.10
N LEU A 186 14.03 -36.35 -5.40
CA LEU A 186 13.91 -37.39 -4.36
C LEU A 186 14.93 -37.18 -3.22
N GLN A 187 16.16 -36.80 -3.52
CA GLN A 187 17.21 -36.70 -2.48
C GLN A 187 16.74 -36.03 -1.18
N ASN A 188 16.08 -34.88 -1.23
CA ASN A 188 15.71 -34.13 -0.04
C ASN A 188 14.29 -34.44 0.42
N ASN A 189 14.02 -34.22 1.71
CA ASN A 189 12.63 -33.94 2.07
C ASN A 189 12.19 -32.64 1.40
N ASN A 190 13.14 -31.74 1.15
CA ASN A 190 12.84 -30.53 0.41
C ASN A 190 12.30 -30.78 -0.99
N GLY A 191 12.98 -31.65 -1.73
CA GLY A 191 12.58 -31.90 -3.11
C GLY A 191 11.32 -32.73 -3.09
N LEU A 192 11.20 -33.63 -2.11
CA LEU A 192 10.01 -34.47 -2.03
C LEU A 192 8.76 -33.62 -1.83
N GLN A 193 8.83 -32.64 -0.92
CA GLN A 193 7.62 -31.85 -0.63
C GLN A 193 7.26 -30.91 -1.78
N LEU A 194 8.22 -30.59 -2.64
CA LEU A 194 7.86 -29.86 -3.86
C LEU A 194 7.05 -30.74 -4.79
N TYR A 195 7.56 -31.95 -5.07
CA TYR A 195 6.89 -32.89 -5.95
C TYR A 195 5.45 -33.10 -5.49
N ARG A 196 5.28 -33.44 -4.21
CA ARG A 196 3.95 -33.75 -3.68
C ARG A 196 3.01 -32.54 -3.85
N ALA A 197 3.49 -31.37 -3.46
CA ALA A 197 2.68 -30.17 -3.49
C ALA A 197 2.32 -29.76 -4.91
N VAL A 198 3.30 -29.83 -5.83
CA VAL A 198 3.05 -29.52 -7.24
C VAL A 198 1.97 -30.43 -7.82
N THR A 199 1.97 -31.69 -7.41
CA THR A 199 0.99 -32.63 -7.94
C THR A 199 -0.39 -32.38 -7.35
N ARG A 200 -0.45 -32.04 -6.05
CA ARG A 200 -1.71 -31.77 -5.38
C ARG A 200 -2.43 -30.57 -6.03
N PHE A 201 -1.70 -29.53 -6.39
CA PHE A 201 -2.32 -28.41 -7.08
C PHE A 201 -2.74 -28.78 -8.50
N LEU A 202 -1.93 -29.58 -9.21
CA LEU A 202 -2.33 -30.07 -10.53
C LEU A 202 -3.57 -30.94 -10.47
N TYR A 203 -3.63 -31.84 -9.49
CA TYR A 203 -4.83 -32.65 -9.35
C TYR A 203 -6.02 -31.78 -8.98
N GLU A 204 -5.88 -30.94 -7.95
CA GLU A 204 -7.00 -30.08 -7.55
C GLU A 204 -7.49 -29.24 -8.71
N ASP A 205 -6.61 -28.83 -9.61
CA ASP A 205 -7.06 -28.00 -10.71
C ASP A 205 -7.88 -28.80 -11.71
N SER A 206 -7.57 -30.09 -11.89
CA SER A 206 -8.19 -30.87 -12.95
C SER A 206 -9.59 -31.39 -12.58
N LEU A 207 -10.15 -31.01 -11.44
CA LEU A 207 -11.55 -31.30 -11.15
C LEU A 207 -12.31 -30.03 -10.76
N SER A 214 -11.82 -40.65 -13.75
CA SER A 214 -10.91 -41.76 -13.48
C SER A 214 -9.77 -41.31 -12.56
N ASN A 215 -9.91 -41.56 -11.26
CA ASN A 215 -8.98 -40.99 -10.28
C ASN A 215 -7.57 -41.57 -10.38
N ASN A 216 -7.41 -42.88 -10.54
CA ASN A 216 -6.07 -43.45 -10.75
C ASN A 216 -5.41 -42.92 -12.01
N ALA A 217 -6.22 -42.69 -13.06
CA ALA A 217 -5.70 -42.06 -14.27
C ALA A 217 -5.24 -40.65 -13.97
N LEU A 218 -6.17 -39.79 -13.50
CA LEU A 218 -5.84 -38.40 -13.18
C LEU A 218 -4.70 -38.31 -12.18
N GLN A 219 -4.54 -39.33 -11.34
CA GLN A 219 -3.48 -39.28 -10.34
C GLN A 219 -2.12 -39.45 -11.00
N LYS A 220 -1.91 -40.57 -11.69
CA LYS A 220 -0.67 -40.74 -12.43
C LYS A 220 -0.43 -39.56 -13.36
N ASP A 221 -1.52 -38.99 -13.88
CA ASP A 221 -1.43 -37.85 -14.80
C ASP A 221 -0.85 -36.63 -14.10
N ALA A 222 -1.41 -36.26 -12.95
CA ALA A 222 -0.90 -35.10 -12.24
C ALA A 222 0.54 -35.33 -11.81
N LYS A 223 0.89 -36.56 -11.43
CA LYS A 223 2.27 -36.84 -11.07
C LYS A 223 3.23 -36.63 -12.24
N GLN A 224 2.80 -36.97 -13.47
CA GLN A 224 3.68 -36.76 -14.61
C GLN A 224 3.77 -35.29 -15.01
N ARG A 225 2.62 -34.58 -15.00
CA ARG A 225 2.64 -33.15 -15.30
C ARG A 225 3.48 -32.40 -14.29
N ALA A 226 3.56 -32.86 -13.05
CA ALA A 226 4.35 -32.18 -12.05
C ALA A 226 5.81 -32.09 -12.49
N ILE A 227 6.42 -33.24 -12.76
CA ILE A 227 7.79 -33.18 -13.24
C ILE A 227 7.87 -32.31 -14.47
N GLY A 228 6.79 -32.27 -15.26
CA GLY A 228 6.79 -31.42 -16.43
C GLY A 228 6.82 -29.96 -16.06
N VAL A 229 5.83 -29.53 -15.27
CA VAL A 229 5.79 -28.15 -14.79
C VAL A 229 7.06 -27.78 -14.03
N ILE A 230 7.58 -28.67 -13.20
CA ILE A 230 8.82 -28.34 -12.50
C ILE A 230 9.99 -28.18 -13.47
N GLN A 231 10.06 -29.01 -14.52
CA GLN A 231 11.15 -28.89 -15.49
C GLN A 231 11.10 -27.52 -16.17
N ARG A 232 9.90 -27.08 -16.56
CA ARG A 232 9.72 -25.79 -17.22
C ARG A 232 10.09 -24.64 -16.33
N SER A 233 9.78 -24.76 -15.03
CA SER A 233 10.04 -23.68 -14.09
C SER A 233 11.53 -23.50 -13.83
N TRP A 234 12.27 -24.59 -13.75
CA TRP A 234 13.71 -24.48 -13.54
C TRP A 234 14.40 -23.99 -14.82
N ALA A 235 13.78 -24.19 -15.97
CA ALA A 235 14.26 -23.56 -17.19
C ALA A 235 14.15 -22.05 -17.08
N TRP A 236 12.93 -21.53 -16.91
CA TRP A 236 12.73 -20.13 -16.61
C TRP A 236 13.61 -19.67 -15.49
N GLY A 237 13.91 -20.55 -14.53
CA GLY A 237 14.81 -20.15 -13.45
C GLY A 237 16.23 -19.91 -13.92
N SER A 238 16.81 -20.85 -14.69
CA SER A 238 18.15 -20.63 -15.25
C SER A 238 18.18 -19.48 -16.24
N LEU A 239 17.08 -19.22 -16.95
CA LEU A 239 17.03 -18.06 -17.82
C LEU A 239 17.27 -16.78 -17.02
N LEU A 240 16.46 -16.55 -15.98
CA LEU A 240 16.67 -15.41 -15.09
C LEU A 240 17.98 -15.51 -14.34
N ASP A 241 18.35 -16.72 -13.93
CA ASP A 241 19.61 -16.91 -13.21
C ASP A 241 20.80 -16.35 -13.97
N THR A 242 20.65 -16.26 -15.28
CA THR A 242 21.71 -15.66 -16.12
C THR A 242 21.40 -14.20 -16.40
N HIS A 243 20.13 -13.89 -16.68
CA HIS A 243 19.74 -12.50 -17.02
C HIS A 243 20.02 -11.55 -15.84
N PHE A 244 19.73 -12.01 -14.62
CA PHE A 244 19.92 -11.14 -13.44
C PHE A 244 20.72 -11.93 -12.41
N PRO A 245 22.01 -12.17 -12.67
CA PRO A 245 22.81 -13.01 -11.77
C PRO A 245 23.05 -12.50 -10.36
N LYS A 246 23.32 -11.19 -10.20
CA LYS A 246 23.71 -10.68 -8.87
C LYS A 246 22.46 -10.28 -8.10
N ALA A 247 21.31 -10.41 -8.73
CA ALA A 247 20.07 -10.06 -8.04
C ALA A 247 19.72 -11.05 -6.93
N ILE A 248 19.23 -10.51 -5.83
CA ILE A 248 18.64 -11.35 -4.79
C ILE A 248 17.43 -12.09 -5.33
N ARG A 249 17.31 -13.37 -4.96
CA ARG A 249 16.35 -14.28 -5.60
C ARG A 249 15.21 -14.61 -4.66
N LEU A 250 14.05 -14.02 -4.90
CA LEU A 250 12.87 -14.38 -4.13
C LEU A 250 12.15 -15.54 -4.81
N SER A 251 11.41 -16.30 -4.02
CA SER A 251 10.67 -17.42 -4.54
C SER A 251 9.29 -17.42 -3.92
N ILE A 252 8.35 -17.98 -4.68
CA ILE A 252 6.97 -18.08 -4.23
C ILE A 252 6.71 -19.36 -3.43
N HIS A 253 7.69 -20.27 -3.37
CA HIS A 253 7.65 -21.55 -2.71
C HIS A 253 8.51 -21.55 -1.45
N PRO A 254 8.20 -22.44 -0.50
CA PRO A 254 9.07 -22.60 0.66
C PRO A 254 10.44 -23.08 0.21
N GLN A 255 11.50 -22.42 0.69
CA GLN A 255 12.89 -22.83 0.41
C GLN A 255 13.66 -23.22 1.66
N PRO A 256 14.61 -24.14 1.51
CA PRO A 256 15.46 -24.48 2.65
C PRO A 256 16.28 -23.27 3.07
N ALA A 257 16.69 -23.27 4.33
CA ALA A 257 17.53 -22.18 4.80
C ALA A 257 18.87 -22.12 4.06
N ASP A 258 19.31 -23.22 3.44
CA ASP A 258 20.59 -23.20 2.73
C ASP A 258 20.47 -22.66 1.31
N SER A 259 19.26 -22.59 0.77
CA SER A 259 19.03 -22.31 -0.64
C SER A 259 19.42 -20.86 -1.00
N ILE A 260 19.82 -20.65 -2.26
CA ILE A 260 20.02 -19.26 -2.68
C ILE A 260 18.67 -18.55 -2.74
N LYS A 261 17.64 -19.29 -3.14
CA LYS A 261 16.29 -18.74 -3.21
C LYS A 261 15.77 -18.48 -1.81
N PHE A 262 15.04 -17.39 -1.66
CA PHE A 262 14.46 -17.00 -0.39
C PHE A 262 12.96 -16.98 -0.57
N GLY A 263 12.27 -17.98 -0.03
CA GLY A 263 10.83 -18.01 -0.16
C GLY A 263 10.20 -16.89 0.64
N ILE A 264 9.09 -16.37 0.11
CA ILE A 264 8.46 -15.21 0.71
C ILE A 264 6.95 -15.30 0.56
N HIS A 265 6.25 -14.78 1.57
CA HIS A 265 4.79 -14.65 1.64
C HIS A 265 4.36 -13.23 1.25
N MET A 266 3.10 -13.07 0.82
CA MET A 266 2.58 -11.75 0.44
C MET A 266 1.24 -11.42 1.02
N MET A 267 0.59 -12.35 1.72
CA MET A 267 -0.64 -12.15 2.46
C MET A 267 -0.60 -13.13 3.61
N PRO A 268 -1.41 -12.93 4.65
CA PRO A 268 -1.52 -13.96 5.67
C PRO A 268 -2.28 -15.17 5.14
N THR A 269 -1.74 -16.36 5.40
CA THR A 269 -2.40 -17.64 5.13
C THR A 269 -1.69 -18.70 5.96
N ARG A 270 -2.45 -19.69 6.46
CA ARG A 270 -1.87 -20.83 7.17
C ARG A 270 -1.37 -21.91 6.23
N ASP A 271 -1.65 -21.77 4.93
CA ASP A 271 -1.13 -22.73 3.92
C ASP A 271 0.18 -22.15 3.38
N ASP A 272 1.26 -22.90 3.53
CA ASP A 272 2.59 -22.42 3.07
C ASP A 272 2.56 -22.23 1.56
N TRP A 273 1.90 -23.11 0.81
CA TRP A 273 1.97 -23.06 -0.67
C TRP A 273 0.87 -22.24 -1.34
N LEU A 274 -0.10 -21.67 -0.61
CA LEU A 274 -1.14 -20.96 -1.32
C LEU A 274 -0.57 -19.71 -1.99
N THR A 275 -1.11 -19.39 -3.15
CA THR A 275 -0.66 -18.21 -3.89
C THR A 275 -1.92 -17.42 -4.29
N PRO A 276 -1.81 -16.15 -4.66
CA PRO A 276 -2.98 -15.35 -4.97
C PRO A 276 -3.74 -16.00 -6.13
N TRP A 277 -3.01 -16.52 -7.12
CA TRP A 277 -3.70 -17.08 -8.30
C TRP A 277 -4.55 -18.31 -7.93
N HIS A 278 -4.12 -19.08 -6.92
CA HIS A 278 -4.87 -20.28 -6.49
C HIS A 278 -5.91 -19.94 -5.40
N GLY A 279 -5.98 -18.70 -4.92
CA GLY A 279 -6.86 -18.38 -3.78
C GLY A 279 -7.65 -17.08 -3.91
N VAL A 280 -8.73 -16.93 -3.14
CA VAL A 280 -9.49 -15.65 -3.12
C VAL A 280 -9.15 -14.86 -1.85
N ALA A 281 -9.52 -13.57 -1.77
CA ALA A 281 -9.24 -12.73 -0.61
C ALA A 281 -10.44 -12.67 0.35
N ALA A 282 -10.17 -12.83 1.66
CA ALA A 282 -11.23 -12.94 2.67
C ALA A 282 -11.07 -11.93 3.80
N ASN A 283 -12.13 -11.15 4.08
CA ASN A 283 -12.10 -10.20 5.19
C ASN A 283 -12.65 -10.89 6.44
N VAL A 284 -11.76 -11.43 7.24
CA VAL A 284 -12.12 -12.24 8.38
C VAL A 284 -11.58 -11.56 9.62
N ASN A 285 -12.46 -11.16 10.53
CA ASN A 285 -12.03 -10.41 11.72
C ASN A 285 -11.37 -9.11 11.32
N GLY A 286 -11.82 -8.50 10.23
CA GLY A 286 -11.15 -7.27 9.78
C GLY A 286 -9.68 -7.47 9.51
N GLN A 287 -9.31 -8.56 8.84
CA GLN A 287 -7.96 -8.80 8.37
C GLN A 287 -8.06 -9.73 7.18
N PHE A 288 -7.48 -9.31 6.06
CA PHE A 288 -7.59 -10.10 4.86
C PHE A 288 -6.72 -11.34 4.98
N ILE A 289 -7.19 -12.47 4.43
CA ILE A 289 -6.43 -13.72 4.43
C ILE A 289 -6.60 -14.41 3.09
N LEU A 290 -5.55 -15.09 2.62
CA LEU A 290 -5.57 -15.88 1.39
C LEU A 290 -6.16 -17.26 1.63
N MET A 291 -7.41 -17.49 1.17
CA MET A 291 -8.09 -18.77 1.30
C MET A 291 -8.64 -19.22 -0.04
N LYS A 292 -9.10 -20.47 -0.08
CA LYS A 292 -9.59 -21.10 -1.30
C LYS A 292 -11.07 -20.78 -1.45
N HIS A 293 -11.54 -20.67 -2.68
CA HIS A 293 -12.92 -20.22 -2.90
C HIS A 293 -13.92 -21.18 -2.27
N LYS A 294 -13.70 -22.49 -2.41
CA LYS A 294 -14.55 -23.49 -1.78
C LYS A 294 -14.54 -23.36 -0.25
N GLU A 295 -13.36 -23.43 0.36
CA GLU A 295 -13.26 -23.45 1.83
C GLU A 295 -13.94 -22.23 2.45
N VAL A 296 -14.00 -21.11 1.73
CA VAL A 296 -14.57 -19.88 2.28
C VAL A 296 -16.09 -19.82 2.11
N GLN A 297 -16.63 -20.42 1.04
CA GLN A 297 -18.09 -20.54 0.94
C GLN A 297 -18.66 -21.42 2.05
N MET A 298 -18.00 -22.54 2.34
CA MET A 298 -18.46 -23.40 3.45
C MET A 298 -18.39 -22.59 4.74
N MET A 299 -17.75 -21.42 4.68
CA MET A 299 -17.65 -20.53 5.87
C MET A 299 -18.78 -19.51 5.83
N GLY A 300 -19.69 -19.64 4.86
CA GLY A 300 -20.78 -18.66 4.69
C GLY A 300 -20.26 -17.27 4.42
N GLY A 301 -19.17 -17.17 3.66
CA GLY A 301 -18.64 -15.86 3.25
C GLY A 301 -19.57 -15.17 2.26
N LYS A 302 -19.61 -13.84 2.27
CA LYS A 302 -20.43 -13.10 1.29
C LYS A 302 -19.50 -12.42 0.28
N LEU A 303 -19.74 -12.64 -1.00
CA LEU A 303 -18.87 -12.08 -2.07
C LEU A 303 -19.11 -10.59 -2.27
N VAL A 304 -18.03 -9.81 -2.46
CA VAL A 304 -18.16 -8.36 -2.75
C VAL A 304 -17.55 -8.06 -4.12
N ASN A 305 -18.24 -7.28 -4.95
CA ASN A 305 -17.74 -7.04 -6.33
C ASN A 305 -17.30 -5.60 -6.50
N ILE A 306 -16.16 -5.39 -7.16
CA ILE A 306 -15.69 -4.00 -7.47
C ILE A 306 -15.44 -3.95 -8.98
N HIS A 307 -15.84 -2.85 -9.62
CA HIS A 307 -15.65 -2.68 -11.09
C HIS A 307 -16.43 -3.78 -11.82
N GLY A 308 -17.54 -4.23 -11.23
CA GLY A 308 -18.39 -5.22 -11.92
C GLY A 308 -17.78 -6.61 -11.92
N LYS A 309 -16.75 -6.82 -11.11
CA LYS A 309 -16.06 -8.14 -11.06
C LYS A 309 -15.91 -8.52 -9.60
N PRO A 310 -15.86 -9.81 -9.21
CA PRO A 310 -15.84 -10.13 -7.80
C PRO A 310 -14.44 -10.16 -7.18
N SER A 311 -14.02 -9.03 -6.61
CA SER A 311 -12.69 -8.95 -5.96
C SER A 311 -12.52 -9.82 -4.71
N HIS A 312 -13.49 -9.85 -3.79
CA HIS A 312 -13.23 -10.52 -2.49
C HIS A 312 -14.49 -10.94 -1.72
N TYR A 313 -14.33 -11.80 -0.71
CA TYR A 313 -15.46 -12.21 0.16
C TYR A 313 -15.32 -11.54 1.54
N VAL A 314 -16.42 -11.42 2.31
CA VAL A 314 -16.36 -10.84 3.69
C VAL A 314 -16.96 -11.79 4.74
N ILE A 315 -16.35 -11.90 5.93
CA ILE A 315 -16.81 -12.73 7.03
C ILE A 315 -16.69 -11.95 8.34
N SER B 1 11.26 -5.40 35.15
CA SER B 1 9.92 -5.15 35.67
C SER B 1 8.86 -5.66 34.68
N GLU B 2 7.58 -5.37 34.95
CA GLU B 2 6.48 -5.75 34.08
C GLU B 2 6.21 -4.74 32.97
N ASN B 3 6.55 -3.46 33.23
CA ASN B 3 6.45 -2.37 32.25
C ASN B 3 7.32 -2.58 31.03
N VAL B 4 8.35 -3.44 31.13
CA VAL B 4 9.31 -3.60 30.04
C VAL B 4 8.59 -3.95 28.76
N SER B 5 7.54 -4.75 28.87
CA SER B 5 6.72 -5.08 27.70
C SER B 5 6.00 -3.84 27.18
N LEU B 6 5.33 -3.10 28.06
CA LEU B 6 4.46 -2.01 27.63
C LEU B 6 5.23 -0.84 27.00
N ASN B 7 6.23 -0.32 27.72
CA ASN B 7 6.92 0.87 27.20
C ASN B 7 7.71 0.58 25.93
N ASN B 8 8.23 -0.64 25.76
CA ASN B 8 8.94 -0.94 24.53
C ASN B 8 7.98 -1.01 23.34
N ILE B 9 6.80 -1.58 23.52
CA ILE B 9 5.86 -1.52 22.40
C ILE B 9 5.33 -0.11 22.23
N SER B 10 5.09 0.59 23.33
CA SER B 10 4.63 1.96 23.21
C SER B 10 5.65 2.82 22.47
N MET B 11 6.94 2.59 22.71
CA MET B 11 7.94 3.39 22.02
C MET B 11 7.93 3.08 20.53
N GLN B 12 7.91 1.80 20.16
CA GLN B 12 8.00 1.42 18.75
C GLN B 12 6.86 2.02 17.94
N ILE B 13 5.67 2.15 18.54
CA ILE B 13 4.57 2.83 17.88
C ILE B 13 4.95 4.27 17.59
N LEU B 14 5.38 4.99 18.63
CA LEU B 14 5.73 6.40 18.49
C LEU B 14 6.82 6.61 17.49
N ARG B 15 7.86 5.77 17.52
CA ARG B 15 9.00 5.97 16.63
C ARG B 15 8.58 5.83 15.18
N GLU B 16 7.65 4.93 14.89
CA GLU B 16 7.17 4.84 13.48
C GLU B 16 6.48 6.15 13.10
N LEU B 17 5.64 6.68 13.97
CA LEU B 17 4.84 7.89 13.66
C LEU B 17 5.79 9.07 13.42
N LEU B 18 6.87 9.17 14.18
CA LEU B 18 7.77 10.34 14.11
C LEU B 18 8.36 10.44 12.70
N GLN B 19 8.66 9.30 12.07
CA GLN B 19 9.32 9.34 10.75
C GLN B 19 8.43 10.09 9.77
N TYR B 20 7.12 9.90 9.85
CA TYR B 20 6.17 10.54 8.88
C TYR B 20 5.72 11.94 9.34
N ARG B 21 6.19 12.42 10.49
CA ARG B 21 5.71 13.71 11.07
C ARG B 21 5.68 14.90 10.12
N ARG B 22 4.69 15.80 10.29
CA ARG B 22 4.59 17.03 9.49
C ARG B 22 4.78 18.23 10.42
N HIS B 23 5.88 18.96 10.26
CA HIS B 23 6.17 20.12 11.14
C HIS B 23 6.67 21.30 10.30
N LEU B 24 6.43 22.52 10.78
CA LEU B 24 6.99 23.69 10.08
C LEU B 24 8.50 23.55 10.20
N THR B 25 9.25 23.90 9.16
CA THR B 25 10.71 23.61 9.24
C THR B 25 11.51 24.84 9.67
N ASP B 26 12.29 24.69 10.73
CA ASP B 26 13.19 25.78 11.21
C ASP B 26 14.51 25.07 11.46
N PRO B 27 15.56 25.33 10.67
CA PRO B 27 16.80 24.55 10.79
C PRO B 27 17.41 24.55 12.17
N VAL B 28 17.27 25.63 12.94
CA VAL B 28 17.86 25.72 14.26
C VAL B 28 17.13 24.91 15.33
N LYS B 29 16.01 24.27 14.99
CA LYS B 29 15.29 23.54 16.02
C LYS B 29 16.04 22.28 16.39
N ASN B 30 16.20 22.05 17.69
CA ASN B 30 16.81 20.81 18.17
C ASN B 30 15.75 19.73 18.07
N SER B 31 15.78 19.01 16.94
CA SER B 31 14.84 17.93 16.71
C SER B 31 14.76 17.00 17.91
N ALA B 32 15.89 16.75 18.57
CA ALA B 32 15.91 15.86 19.71
C ALA B 32 15.00 16.37 20.84
N LYS B 33 15.15 17.65 21.19
CA LYS B 33 14.36 18.21 22.28
C LYS B 33 12.90 18.33 21.86
N GLU B 34 12.64 18.55 20.57
CA GLU B 34 11.29 18.47 20.02
C GLU B 34 10.69 17.08 20.20
N GLU B 35 11.48 16.02 19.98
CA GLU B 35 10.92 14.67 20.05
C GLU B 35 10.53 14.29 21.47
N GLU B 36 11.41 14.54 22.44
CA GLU B 36 11.07 14.18 23.81
C GLU B 36 9.78 14.87 24.27
N ILE B 37 9.45 16.05 23.74
CA ILE B 37 8.20 16.69 24.14
C ILE B 37 7.02 15.87 23.65
N ILE B 38 7.00 15.51 22.37
CA ILE B 38 5.87 14.74 21.87
C ILE B 38 5.90 13.30 22.39
N LYS B 39 7.07 12.77 22.74
CA LYS B 39 7.10 11.53 23.51
C LYS B 39 6.20 11.66 24.73
N THR B 40 6.41 12.71 25.53
CA THR B 40 5.59 12.93 26.72
C THR B 40 4.13 13.13 26.35
N VAL B 41 3.85 13.76 25.22
CA VAL B 41 2.47 14.09 24.91
C VAL B 41 1.70 12.83 24.55
N GLN B 42 2.33 11.94 23.79
CA GLN B 42 1.57 10.87 23.14
C GLN B 42 1.73 9.48 23.78
N LEU B 43 2.90 9.14 24.34
CA LEU B 43 3.06 7.81 24.94
C LEU B 43 1.91 7.45 25.86
N PRO B 44 1.47 8.31 26.77
CA PRO B 44 0.23 7.97 27.50
C PRO B 44 -0.96 7.71 26.60
N ARG B 45 -1.15 8.51 25.55
CA ARG B 45 -2.30 8.28 24.68
C ARG B 45 -2.20 6.93 23.98
N ILE B 46 -0.98 6.49 23.67
CA ILE B 46 -0.75 5.18 23.08
C ILE B 46 -0.94 4.09 24.12
N GLU B 47 -0.32 4.27 25.29
CA GLU B 47 -0.33 3.22 26.29
C GLU B 47 -1.74 2.89 26.74
N TYR B 48 -2.68 3.84 26.64
CA TYR B 48 -4.05 3.50 27.04
C TYR B 48 -4.57 2.29 26.28
N PHE B 49 -4.47 2.34 24.96
CA PHE B 49 -5.00 1.21 24.15
C PHE B 49 -4.18 -0.06 24.47
N ILE B 50 -2.86 0.10 24.63
CA ILE B 50 -1.99 -1.09 24.88
C ILE B 50 -2.36 -1.77 26.20
N LYS B 51 -2.62 -0.97 27.25
CA LYS B 51 -3.04 -1.57 28.54
C LYS B 51 -4.37 -2.29 28.32
N ASN B 52 -5.26 -1.67 27.55
CA ASN B 52 -6.58 -2.26 27.23
C ASN B 52 -6.39 -3.51 26.36
N LYS B 53 -5.25 -3.63 25.67
CA LYS B 53 -5.07 -4.74 24.68
C LYS B 53 -6.14 -4.56 23.62
N LYS B 54 -6.42 -3.30 23.28
CA LYS B 54 -7.39 -2.95 22.23
C LYS B 54 -6.60 -2.24 21.13
N PRO B 55 -6.94 -2.38 19.84
CA PRO B 55 -6.11 -1.81 18.79
C PRO B 55 -6.05 -0.28 18.91
N ILE B 56 -4.87 0.28 18.69
CA ILE B 56 -4.70 1.76 18.84
C ILE B 56 -5.60 2.44 17.80
N GLU B 57 -6.30 3.49 18.20
CA GLU B 57 -7.26 4.15 17.27
C GLU B 57 -6.79 5.57 16.99
N PHE B 58 -6.87 5.99 15.73
CA PHE B 58 -6.38 7.33 15.34
C PHE B 58 -7.52 8.09 14.66
N ILE B 59 -7.60 9.40 14.87
CA ILE B 59 -8.62 10.21 14.15
C ILE B 59 -7.91 11.22 13.26
N LEU B 60 -8.27 11.24 11.98
CA LEU B 60 -7.66 12.23 11.05
C LEU B 60 -8.78 12.96 10.33
N PRO B 61 -8.77 14.30 10.27
CA PRO B 61 -9.75 15.01 9.49
C PRO B 61 -9.08 15.27 8.14
N ALA B 62 -9.70 14.85 7.05
CA ALA B 62 -9.00 14.98 5.75
C ALA B 62 -9.92 14.73 4.57
N PHE B 63 -9.44 14.99 3.36
CA PHE B 63 -10.19 14.74 2.11
C PHE B 63 -11.60 15.35 2.06
N PRO B 64 -11.86 16.59 2.53
CA PRO B 64 -13.23 17.08 2.44
C PRO B 64 -13.71 17.22 0.99
N THR B 65 -12.90 17.81 0.10
CA THR B 65 -13.24 17.89 -1.35
C THR B 65 -11.99 18.20 -2.16
N LYS B 66 -11.99 17.93 -3.46
CA LYS B 66 -10.85 18.34 -4.31
C LYS B 66 -10.87 19.86 -4.49
N SER B 67 -9.70 20.49 -4.59
CA SER B 67 -9.63 21.97 -4.82
C SER B 67 -10.19 22.35 -6.18
N PRO B 68 -10.93 23.47 -6.29
CA PRO B 68 -11.45 23.93 -7.57
C PRO B 68 -10.44 24.34 -8.64
N ASN B 69 -9.35 25.01 -8.27
CA ASN B 69 -8.43 25.55 -9.31
C ASN B 69 -7.82 24.42 -10.13
N ILE B 70 -7.80 24.59 -11.45
CA ILE B 70 -7.13 23.60 -12.34
C ILE B 70 -5.64 23.59 -12.02
N ASN B 71 -5.06 24.76 -11.81
CA ASN B 71 -3.58 24.80 -11.63
C ASN B 71 -3.22 23.99 -10.39
N LYS B 72 -3.98 24.12 -9.31
CA LYS B 72 -3.75 23.25 -8.14
C LYS B 72 -4.07 21.78 -8.42
N VAL B 73 -5.20 21.50 -9.10
CA VAL B 73 -5.66 20.09 -9.22
C VAL B 73 -6.03 19.66 -10.64
N LEU B 74 -5.65 18.44 -11.05
CA LEU B 74 -5.99 17.90 -12.39
C LEU B 74 -7.50 17.71 -12.59
N GLY B 75 -8.21 17.18 -11.59
CA GLY B 75 -9.64 16.86 -11.79
C GLY B 75 -10.44 16.82 -10.50
N THR B 76 -11.77 16.95 -10.58
CA THR B 76 -12.66 16.88 -9.39
C THR B 76 -12.59 15.50 -8.73
N ALA B 77 -12.55 14.44 -9.52
CA ALA B 77 -12.57 13.07 -8.97
C ALA B 77 -11.29 12.79 -8.21
N PRO B 78 -11.29 11.95 -7.15
CA PRO B 78 -10.08 11.75 -6.37
C PRO B 78 -9.01 11.16 -7.28
N ASP B 79 -7.79 11.68 -7.18
CA ASP B 79 -6.67 11.26 -8.06
C ASP B 79 -5.87 10.09 -7.48
N MET B 80 -4.81 9.71 -8.17
CA MET B 80 -3.92 8.63 -7.68
C MET B 80 -3.34 9.11 -6.36
N ALA B 81 -3.06 10.40 -6.24
CA ALA B 81 -2.40 10.90 -5.02
C ALA B 81 -3.28 10.60 -3.81
N GLU B 82 -4.59 10.78 -3.91
CA GLU B 82 -5.40 10.43 -2.71
C GLU B 82 -5.21 8.94 -2.46
N ARG B 83 -5.21 8.14 -3.52
CA ARG B 83 -5.12 6.67 -3.34
C ARG B 83 -3.79 6.31 -2.70
N LEU B 84 -2.72 6.95 -3.12
CA LEU B 84 -1.39 6.58 -2.59
C LEU B 84 -1.40 6.87 -1.10
N SER B 85 -1.98 8.00 -0.71
CA SER B 85 -1.98 8.39 0.71
C SER B 85 -2.74 7.35 1.52
N LEU B 86 -3.87 6.90 1.00
CA LEU B 86 -4.71 5.91 1.73
C LEU B 86 -3.93 4.61 1.88
N ILE B 87 -3.22 4.22 0.83
CA ILE B 87 -2.50 2.92 0.87
C ILE B 87 -1.47 3.01 2.00
N PHE B 88 -0.79 4.16 2.10
CA PHE B 88 0.24 4.32 3.14
C PHE B 88 -0.41 4.23 4.53
N LEU B 89 -1.57 4.86 4.68
CA LEU B 89 -2.16 4.90 6.05
C LEU B 89 -2.49 3.47 6.48
N ASN B 90 -3.03 2.66 5.57
CA ASN B 90 -3.34 1.25 5.90
C ASN B 90 -2.02 0.56 6.21
N SER B 91 -0.99 0.87 5.43
CA SER B 91 0.30 0.17 5.61
C SER B 91 0.82 0.46 7.01
N PHE B 92 0.66 1.70 7.48
CA PHE B 92 1.24 2.03 8.80
C PHE B 92 0.57 1.16 9.85
N CYS B 93 -0.76 1.00 9.73
CA CYS B 93 -1.51 0.21 10.74
C CYS B 93 -1.04 -1.25 10.71
N GLN B 94 -0.84 -1.80 9.51
CA GLN B 94 -0.41 -3.21 9.37
C GLN B 94 0.98 -3.41 9.99
N ARG B 95 1.87 -2.43 9.81
CA ARG B 95 3.24 -2.52 10.38
C ARG B 95 3.08 -2.57 11.89
N ILE B 96 2.14 -1.80 12.41
CA ILE B 96 1.89 -1.74 13.87
C ILE B 96 1.51 -3.16 14.30
N GLN B 97 0.75 -3.85 13.46
CA GLN B 97 0.26 -5.20 13.85
C GLN B 97 1.47 -6.10 14.10
N LEU B 98 2.51 -5.99 13.29
CA LEU B 98 3.61 -6.95 13.54
C LEU B 98 4.17 -6.72 14.95
N TYR B 99 4.40 -5.46 15.33
CA TYR B 99 4.86 -5.17 16.72
C TYR B 99 3.78 -5.53 17.74
N TYR B 100 2.53 -5.19 17.45
CA TYR B 100 1.43 -5.37 18.44
C TYR B 100 0.34 -6.20 17.78
N PRO B 101 -0.08 -7.34 18.35
CA PRO B 101 -1.05 -8.20 17.67
C PRO B 101 -2.40 -7.53 17.40
N PRO B 102 -3.02 -6.72 18.29
CA PRO B 102 -4.31 -6.11 17.99
C PRO B 102 -4.16 -5.19 16.77
N GLY B 103 -3.04 -4.49 16.68
CA GLY B 103 -2.82 -3.60 15.52
C GLY B 103 -3.50 -2.26 15.70
N ALA B 104 -3.65 -1.50 14.61
CA ALA B 104 -4.20 -0.13 14.77
C ALA B 104 -5.30 0.15 13.73
N ARG B 105 -6.22 1.04 14.08
CA ARG B 105 -7.31 1.43 13.15
C ARG B 105 -7.26 2.95 13.00
N ILE B 106 -7.39 3.46 11.78
CA ILE B 106 -7.42 4.93 11.57
C ILE B 106 -8.82 5.30 11.10
N ILE B 107 -9.41 6.31 11.74
CA ILE B 107 -10.77 6.76 11.33
C ILE B 107 -10.57 8.10 10.64
N ILE B 108 -11.08 8.21 9.42
CA ILE B 108 -10.81 9.47 8.67
C ILE B 108 -12.14 10.23 8.73
N CYS B 109 -12.10 11.45 9.25
CA CYS B 109 -13.39 12.15 9.39
C CYS B 109 -13.41 13.24 8.33
N SER B 110 -14.36 13.14 7.40
CA SER B 110 -14.34 14.12 6.28
C SER B 110 -15.69 14.82 6.13
N ASP B 111 -15.73 16.14 6.21
CA ASP B 111 -17.00 16.81 5.84
C ASP B 111 -16.68 17.96 4.88
N GLY B 112 -17.07 17.84 3.62
CA GLY B 112 -16.96 18.97 2.68
C GLY B 112 -17.90 20.07 3.11
N HIS B 113 -19.08 19.67 3.60
CA HIS B 113 -20.16 20.63 3.88
C HIS B 113 -19.75 21.66 4.93
N VAL B 114 -19.00 21.26 5.95
CA VAL B 114 -18.73 22.24 7.04
C VAL B 114 -18.00 23.44 6.43
N PHE B 115 -17.06 23.20 5.52
CA PHE B 115 -16.36 24.32 4.83
C PHE B 115 -17.05 24.62 3.50
N GLY B 116 -18.15 23.92 3.20
CA GLY B 116 -18.71 24.04 1.83
C GLY B 116 -19.16 25.44 1.46
N ASP B 117 -19.80 26.17 2.36
CA ASP B 117 -20.19 27.53 1.91
C ASP B 117 -18.93 28.33 1.60
N LEU B 118 -17.93 28.25 2.47
CA LEU B 118 -16.67 29.03 2.29
C LEU B 118 -15.88 28.59 1.05
N ILE B 119 -15.80 27.30 0.78
CA ILE B 119 -14.97 26.76 -0.34
C ILE B 119 -15.52 27.20 -1.69
N HIS B 120 -16.82 27.52 -1.78
CA HIS B 120 -17.45 27.81 -3.09
C HIS B 120 -17.38 26.54 -3.94
N VAL B 121 -17.53 25.39 -3.30
CA VAL B 121 -17.60 24.09 -4.01
C VAL B 121 -18.98 23.52 -3.74
N SER B 122 -19.69 23.02 -4.75
CA SER B 122 -21.09 22.57 -4.57
C SER B 122 -21.17 21.41 -3.58
N ASP B 123 -22.22 21.38 -2.77
CA ASP B 123 -22.39 20.30 -1.75
C ASP B 123 -22.50 18.97 -2.48
N GLU B 124 -23.19 18.96 -3.63
CA GLU B 124 -23.39 17.69 -4.37
C GLU B 124 -22.01 17.18 -4.80
N VAL B 125 -21.13 18.07 -5.26
CA VAL B 125 -19.79 17.65 -5.72
C VAL B 125 -19.06 17.04 -4.53
N ILE B 126 -19.20 17.67 -3.37
CA ILE B 126 -18.50 17.18 -2.15
C ILE B 126 -19.02 15.77 -1.86
N SER B 127 -20.32 15.57 -1.99
CA SER B 127 -20.89 14.27 -1.61
C SER B 127 -20.31 13.19 -2.53
N GLN B 128 -20.19 13.51 -3.82
CA GLN B 128 -19.68 12.50 -4.78
C GLN B 128 -18.24 12.18 -4.40
N TYR B 129 -17.47 13.20 -4.03
CA TYR B 129 -16.05 12.98 -3.71
C TYR B 129 -15.96 12.04 -2.51
N HIS B 130 -16.83 12.25 -1.53
CA HIS B 130 -16.78 11.41 -0.32
C HIS B 130 -17.08 9.97 -0.73
N GLU B 131 -18.07 9.81 -1.60
CA GLU B 131 -18.41 8.44 -2.06
C GLU B 131 -17.20 7.86 -2.81
N ASP B 132 -16.57 8.68 -3.64
CA ASP B 132 -15.47 8.13 -4.47
C ASP B 132 -14.35 7.65 -3.55
N ILE B 133 -14.03 8.44 -2.52
CA ILE B 133 -12.93 8.06 -1.59
C ILE B 133 -13.32 6.75 -0.88
N LYS B 134 -14.59 6.62 -0.50
CA LYS B 134 -15.04 5.37 0.15
C LYS B 134 -14.86 4.21 -0.83
N GLN B 135 -15.22 4.43 -2.09
CA GLN B 135 -15.08 3.36 -3.11
C GLN B 135 -13.59 3.04 -3.23
N LEU B 136 -12.75 4.07 -3.20
CA LEU B 136 -11.31 3.85 -3.37
C LEU B 136 -10.83 2.99 -2.22
N LEU B 137 -11.33 3.23 -1.01
CA LEU B 137 -10.79 2.47 0.15
C LEU B 137 -11.08 0.98 -0.08
N HIS B 138 -12.29 0.66 -0.55
CA HIS B 138 -12.57 -0.76 -0.88
C HIS B 138 -11.66 -1.21 -2.04
N GLU B 139 -11.51 -0.35 -3.05
CA GLU B 139 -10.67 -0.71 -4.22
C GLU B 139 -9.23 -0.88 -3.72
N VAL B 140 -8.80 -0.01 -2.81
CA VAL B 140 -7.45 -0.10 -2.17
C VAL B 140 -7.42 -1.41 -1.37
N GLY B 141 -8.54 -1.79 -0.75
CA GLY B 141 -8.49 -2.95 0.14
C GLY B 141 -8.00 -2.61 1.54
N ALA B 142 -8.05 -1.32 1.92
CA ALA B 142 -7.48 -0.96 3.23
C ALA B 142 -8.53 -1.18 4.31
N ILE B 143 -8.42 -2.31 5.01
CA ILE B 143 -9.37 -2.65 6.10
C ILE B 143 -9.25 -1.69 7.28
N ASN B 144 -8.03 -1.31 7.65
CA ASN B 144 -7.85 -0.49 8.88
C ASN B 144 -8.54 0.86 8.76
N LEU B 145 -8.45 1.50 7.61
CA LEU B 145 -9.03 2.86 7.48
C LEU B 145 -10.55 2.82 7.62
N SER B 146 -11.16 3.82 8.28
CA SER B 146 -12.63 3.89 8.44
C SER B 146 -13.11 5.31 8.16
N THR B 147 -14.39 5.50 7.79
CA THR B 147 -14.86 6.86 7.40
C THR B 147 -15.93 7.38 8.36
N PHE B 148 -15.79 8.62 8.83
CA PHE B 148 -16.80 9.26 9.71
C PHE B 148 -17.35 10.50 9.01
N ASN B 149 -18.67 10.67 8.99
CA ASN B 149 -19.29 11.79 8.23
C ASN B 149 -20.31 12.51 9.12
N LEU B 150 -20.60 13.77 8.79
CA LEU B 150 -21.53 14.55 9.64
C LEU B 150 -22.90 13.88 9.65
N ASN B 151 -23.35 13.39 8.49
CA ASN B 151 -24.64 12.64 8.43
C ASN B 151 -24.49 11.38 9.29
N ASP B 152 -23.31 10.75 9.23
CA ASP B 152 -23.06 9.51 10.01
C ASP B 152 -23.18 9.88 11.49
N ASP B 153 -22.72 11.07 11.85
CA ASP B 153 -22.77 11.48 13.29
C ASP B 153 -24.23 11.52 13.70
N LYS B 154 -24.52 11.07 14.92
CA LYS B 154 -25.94 10.97 15.37
C LYS B 154 -26.54 12.38 15.39
N GLU B 155 -25.79 13.37 15.89
CA GLU B 155 -26.33 14.73 16.06
C GLU B 155 -26.61 15.17 14.62
N LEU B 156 -27.89 15.18 14.23
CA LEU B 156 -28.26 15.64 12.88
C LEU B 156 -29.52 16.48 13.05
N CYS B 157 -29.54 17.72 12.56
CA CYS B 157 -30.82 18.45 12.57
C CYS B 157 -31.73 17.63 11.65
N GLU B 158 -31.18 17.16 10.53
CA GLU B 158 -31.94 16.27 9.62
C GLU B 158 -30.94 15.27 9.02
N HIS B 159 -31.44 14.13 8.53
CA HIS B 159 -30.54 13.07 8.03
C HIS B 159 -29.72 13.59 6.85
N SER B 160 -30.32 14.38 5.95
CA SER B 160 -29.59 14.82 4.73
C SER B 160 -30.39 15.91 4.02
N ASP B 161 -29.79 16.57 3.03
CA ASP B 161 -30.44 17.66 2.25
C ASP B 161 -30.62 18.84 3.19
N ASP B 162 -30.14 18.69 4.42
CA ASP B 162 -30.25 19.76 5.44
C ASP B 162 -28.84 20.20 5.81
N PHE B 163 -27.87 19.99 4.94
CA PHE B 163 -26.46 20.27 5.31
C PHE B 163 -26.33 21.75 5.63
N ASN B 164 -27.01 22.64 4.89
CA ASN B 164 -26.91 24.06 5.28
C ASN B 164 -27.49 24.22 6.68
N LEU B 165 -28.61 23.56 6.97
CA LEU B 165 -29.16 23.59 8.34
C LEU B 165 -28.16 22.91 9.27
N GLN B 166 -27.56 21.81 8.79
CA GLN B 166 -26.60 21.07 9.63
C GLN B 166 -25.41 21.99 9.92
N ARG B 167 -24.97 22.76 8.92
CA ARG B 167 -23.75 23.58 9.17
C ARG B 167 -24.03 24.56 10.29
N GLN B 168 -25.20 25.21 10.25
CA GLN B 168 -25.55 26.16 11.33
C GLN B 168 -25.68 25.37 12.64
N MET B 169 -26.27 24.17 12.58
CA MET B 169 -26.50 23.44 13.85
C MET B 169 -25.14 23.11 14.47
N LEU B 170 -24.19 22.70 13.63
CA LEU B 170 -22.84 22.36 14.16
C LEU B 170 -22.24 23.64 14.73
N VAL B 171 -22.42 24.75 14.01
CA VAL B 171 -21.76 25.98 14.49
C VAL B 171 -22.35 26.34 15.84
N LYS B 172 -23.66 26.25 15.99
CA LYS B 172 -24.17 26.71 17.30
C LYS B 172 -23.60 25.83 18.40
N HIS B 173 -23.63 24.51 18.18
CA HIS B 173 -23.16 23.59 19.25
C HIS B 173 -21.67 23.68 19.54
N TYR B 174 -20.83 23.74 18.50
CA TYR B 174 -19.36 23.65 18.75
C TYR B 174 -18.55 24.88 18.33
N ALA B 175 -19.16 25.89 17.71
CA ALA B 175 -18.36 27.02 17.18
C ALA B 175 -17.84 27.93 18.29
N ARG B 176 -16.81 28.70 17.98
CA ARG B 176 -16.23 29.66 18.95
C ARG B 176 -16.29 31.02 18.25
N SER B 177 -16.29 32.11 19.00
CA SER B 177 -16.50 33.42 18.34
C SER B 177 -15.38 33.64 17.34
N GLU B 178 -15.71 34.18 16.17
CA GLU B 178 -14.70 34.32 15.09
C GLU B 178 -13.60 35.24 15.61
N ALA B 179 -13.98 36.29 16.33
CA ALA B 179 -12.97 37.19 16.90
C ALA B 179 -12.11 36.40 17.89
N SER B 180 -12.75 35.53 18.67
CA SER B 180 -11.98 34.70 19.64
C SER B 180 -11.02 33.80 18.85
N ILE B 181 -11.51 33.24 17.74
CA ILE B 181 -10.61 32.39 16.90
C ILE B 181 -9.49 33.29 16.38
N LYS B 182 -9.83 34.51 15.97
CA LYS B 182 -8.79 35.38 15.38
C LYS B 182 -7.74 35.67 16.45
N ASP B 183 -8.18 35.94 17.67
CA ASP B 183 -7.22 36.30 18.74
C ASP B 183 -6.27 35.13 18.99
N GLU B 184 -6.83 33.91 19.01
CA GLU B 184 -5.98 32.73 19.32
C GLU B 184 -4.93 32.58 18.22
N LEU B 185 -5.34 32.79 16.97
CA LEU B 185 -4.40 32.62 15.84
C LEU B 185 -3.28 33.65 15.99
N LEU B 186 -3.61 34.87 16.39
CA LEU B 186 -2.61 35.96 16.49
C LEU B 186 -1.55 35.65 17.55
N GLN B 187 -1.94 35.07 18.70
CA GLN B 187 -0.98 34.86 19.82
C GLN B 187 0.15 33.92 19.41
N ASN B 188 -0.14 32.88 18.65
CA ASN B 188 0.87 31.85 18.32
C ASN B 188 1.34 32.01 16.87
N ASN B 189 2.64 31.88 16.66
CA ASN B 189 3.16 31.96 15.27
C ASN B 189 2.51 30.81 14.50
N ASN B 190 2.39 29.65 15.14
CA ASN B 190 1.80 28.49 14.44
C ASN B 190 0.38 28.87 14.06
N GLY B 191 -0.34 29.53 14.98
CA GLY B 191 -1.68 30.00 14.63
C GLY B 191 -1.64 31.03 13.51
N LEU B 192 -0.67 31.95 13.57
CA LEU B 192 -0.54 32.97 12.51
C LEU B 192 -0.21 32.27 11.20
N GLN B 193 0.68 31.29 11.24
CA GLN B 193 1.12 30.62 9.99
C GLN B 193 -0.11 29.93 9.37
N LEU B 194 -0.95 29.34 10.21
CA LEU B 194 -2.14 28.63 9.70
C LEU B 194 -3.02 29.67 9.01
N TYR B 195 -3.16 30.84 9.62
CA TYR B 195 -4.09 31.83 9.02
C TYR B 195 -3.56 32.19 7.64
N ARG B 196 -2.25 32.39 7.55
CA ARG B 196 -1.72 32.84 6.24
C ARG B 196 -1.92 31.72 5.21
N ALA B 197 -1.66 30.48 5.61
CA ALA B 197 -1.76 29.37 4.64
C ALA B 197 -3.19 29.22 4.16
N VAL B 198 -4.15 29.29 5.08
CA VAL B 198 -5.56 29.07 4.67
C VAL B 198 -5.91 30.19 3.70
N THR B 199 -5.46 31.40 4.01
CA THR B 199 -5.75 32.54 3.13
C THR B 199 -5.08 32.27 1.78
N ARG B 200 -3.85 31.76 1.81
CA ARG B 200 -3.14 31.55 0.52
C ARG B 200 -3.89 30.52 -0.30
N PHE B 201 -4.33 29.44 0.33
CA PHE B 201 -5.02 28.39 -0.46
C PHE B 201 -6.30 28.98 -1.05
N LEU B 202 -7.03 29.72 -0.21
CA LEU B 202 -8.32 30.30 -0.66
C LEU B 202 -8.06 31.29 -1.79
N TYR B 203 -7.03 32.12 -1.65
CA TYR B 203 -6.84 33.17 -2.68
C TYR B 203 -6.58 32.47 -4.01
N GLU B 204 -5.73 31.44 -3.97
CA GLU B 204 -5.41 30.71 -5.22
C GLU B 204 -6.66 30.03 -5.76
N ASP B 205 -7.45 29.41 -4.88
CA ASP B 205 -8.68 28.74 -5.34
C ASP B 205 -9.65 29.78 -5.91
N SER B 206 -9.78 30.92 -5.23
CA SER B 206 -10.74 31.96 -5.67
C SER B 206 -10.36 32.53 -7.03
N LEU B 207 -9.07 32.77 -7.29
CA LEU B 207 -8.77 33.40 -8.60
C LEU B 207 -9.16 32.41 -9.69
N LEU B 208 -9.85 32.89 -10.73
CA LEU B 208 -10.29 32.04 -11.87
C LEU B 208 -10.30 32.93 -13.11
N PRO B 209 -10.22 32.40 -14.35
CA PRO B 209 -10.19 33.27 -15.52
C PRO B 209 -11.48 34.08 -15.61
N GLY B 210 -12.62 33.45 -15.32
CA GLY B 210 -13.92 34.12 -15.40
C GLY B 210 -14.06 35.28 -14.43
N TYR B 211 -13.59 35.12 -13.19
CA TYR B 211 -13.81 36.17 -12.15
C TYR B 211 -13.13 37.49 -12.53
N THR B 212 -13.82 38.61 -12.33
CA THR B 212 -13.17 39.92 -12.52
C THR B 212 -13.19 40.64 -11.18
N GLY B 213 -12.02 40.94 -10.63
CA GLY B 213 -11.98 41.68 -9.36
C GLY B 213 -10.64 42.33 -9.08
N SER B 214 -10.60 43.31 -8.18
CA SER B 214 -9.30 43.86 -7.74
C SER B 214 -8.62 42.79 -6.90
N ASN B 215 -7.29 42.68 -6.98
CA ASN B 215 -6.56 41.65 -6.23
C ASN B 215 -6.78 41.91 -4.74
N ASN B 216 -6.77 43.18 -4.34
CA ASN B 216 -6.88 43.52 -2.91
C ASN B 216 -8.22 43.01 -2.38
N ALA B 217 -9.28 43.16 -3.16
CA ALA B 217 -10.61 42.75 -2.68
C ALA B 217 -10.59 41.25 -2.44
N LEU B 218 -9.96 40.50 -3.35
CA LEU B 218 -9.93 39.04 -3.21
C LEU B 218 -9.17 38.71 -1.93
N GLN B 219 -8.08 39.44 -1.66
CA GLN B 219 -7.26 39.11 -0.48
C GLN B 219 -8.07 39.31 0.80
N LYS B 220 -8.85 40.40 0.87
CA LYS B 220 -9.69 40.61 2.07
C LYS B 220 -10.72 39.49 2.15
N ASP B 221 -11.30 39.11 1.02
CA ASP B 221 -12.38 38.10 1.07
C ASP B 221 -11.78 36.81 1.61
N ALA B 222 -10.57 36.48 1.16
CA ALA B 222 -9.98 35.20 1.58
C ALA B 222 -9.74 35.23 3.09
N LYS B 223 -9.25 36.36 3.61
CA LYS B 223 -8.93 36.41 5.05
C LYS B 223 -10.21 36.24 5.87
N GLN B 224 -11.28 36.89 5.45
CA GLN B 224 -12.57 36.75 6.17
C GLN B 224 -13.03 35.30 6.05
N ARG B 225 -12.89 34.73 4.85
CA ARG B 225 -13.29 33.32 4.63
C ARG B 225 -12.43 32.43 5.51
N ALA B 226 -11.14 32.76 5.61
CA ALA B 226 -10.23 31.88 6.36
C ALA B 226 -10.69 31.79 7.81
N ILE B 227 -11.11 32.92 8.38
CA ILE B 227 -11.47 32.86 9.82
C ILE B 227 -12.65 31.89 9.94
N GLY B 228 -13.59 31.98 9.01
CA GLY B 228 -14.72 31.04 9.04
C GLY B 228 -14.26 29.61 8.84
N VAL B 229 -13.33 29.38 7.90
CA VAL B 229 -12.94 27.97 7.61
C VAL B 229 -12.33 27.41 8.89
N ILE B 230 -11.50 28.21 9.56
CA ILE B 230 -10.81 27.72 10.77
C ILE B 230 -11.90 27.39 11.80
N GLN B 231 -12.89 28.25 11.91
CA GLN B 231 -13.92 28.03 12.96
C GLN B 231 -14.64 26.71 12.66
N ARG B 232 -14.97 26.50 11.39
CA ARG B 232 -15.74 25.28 11.05
C ARG B 232 -14.90 24.04 11.36
N SER B 233 -13.61 24.09 11.00
CA SER B 233 -12.76 22.91 11.21
C SER B 233 -12.65 22.64 12.71
N TRP B 234 -12.47 23.71 13.48
CA TRP B 234 -12.33 23.56 14.95
C TRP B 234 -13.63 22.99 15.51
N ALA B 235 -14.76 23.47 15.01
CA ALA B 235 -16.06 22.95 15.48
C ALA B 235 -16.17 21.47 15.13
N TRP B 236 -15.72 21.10 13.93
CA TRP B 236 -15.80 19.68 13.50
C TRP B 236 -14.94 18.89 14.47
N GLY B 237 -13.77 19.45 14.81
CA GLY B 237 -12.86 18.76 15.73
C GLY B 237 -13.49 18.58 17.09
N SER B 238 -14.20 19.60 17.56
CA SER B 238 -14.80 19.52 18.91
C SER B 238 -15.81 18.37 18.92
N LEU B 239 -16.60 18.26 17.86
CA LEU B 239 -17.59 17.16 17.77
C LEU B 239 -16.83 15.84 17.76
N LEU B 240 -15.74 15.77 17.01
CA LEU B 240 -14.98 14.51 16.91
C LEU B 240 -14.46 14.19 18.31
N ASP B 241 -14.02 15.22 19.01
CA ASP B 241 -13.40 14.97 20.34
C ASP B 241 -14.45 14.34 21.24
N THR B 242 -15.69 14.82 21.19
CA THR B 242 -16.68 14.16 22.06
C THR B 242 -16.84 12.71 21.62
N HIS B 243 -16.92 12.49 20.30
CA HIS B 243 -17.13 11.11 19.78
C HIS B 243 -15.93 10.21 20.09
N PHE B 244 -14.71 10.73 19.94
CA PHE B 244 -13.52 9.85 20.08
C PHE B 244 -12.49 10.50 21.01
N PRO B 245 -12.72 10.55 22.33
CA PRO B 245 -11.80 11.27 23.23
C PRO B 245 -10.36 10.73 23.33
N LYS B 246 -10.19 9.41 23.38
CA LYS B 246 -8.82 8.85 23.61
C LYS B 246 -8.09 8.66 22.28
N ALA B 247 -8.83 8.58 21.19
CA ALA B 247 -8.19 8.47 19.85
C ALA B 247 -7.03 9.45 19.70
N ILE B 248 -5.86 8.93 19.35
CA ILE B 248 -4.70 9.83 19.07
C ILE B 248 -5.17 10.76 17.96
N ARG B 249 -4.83 12.04 18.04
CA ARG B 249 -5.38 13.01 17.05
C ARG B 249 -4.34 13.31 15.98
N LEU B 250 -4.51 12.74 14.79
CA LEU B 250 -3.64 13.12 13.71
C LEU B 250 -4.15 14.39 13.09
N SER B 251 -3.24 15.13 12.45
CA SER B 251 -3.59 16.35 11.73
C SER B 251 -2.89 16.39 10.39
N ILE B 252 -3.53 17.05 9.41
CA ILE B 252 -2.91 17.26 8.11
C ILE B 252 -2.12 18.56 8.03
N HIS B 253 -2.14 19.37 9.07
CA HIS B 253 -1.39 20.61 9.12
C HIS B 253 -0.22 20.49 10.07
N PRO B 254 0.82 21.28 9.86
CA PRO B 254 1.95 21.25 10.79
C PRO B 254 1.50 21.64 12.18
N GLN B 255 1.86 20.82 13.14
CA GLN B 255 1.48 21.05 14.52
C GLN B 255 2.72 21.22 15.39
N PRO B 256 2.64 22.06 16.42
CA PRO B 256 3.77 22.16 17.35
C PRO B 256 3.94 20.88 18.16
N ALA B 257 5.19 20.64 18.58
CA ALA B 257 5.49 19.50 19.44
C ALA B 257 4.71 19.56 20.75
N ASP B 258 4.15 20.73 21.09
CA ASP B 258 3.38 20.78 22.32
C ASP B 258 2.02 20.16 22.11
N SER B 259 1.51 20.21 20.90
CA SER B 259 0.12 19.91 20.68
C SER B 259 -0.18 18.44 20.84
N ILE B 260 -1.43 18.15 21.19
CA ILE B 260 -2.00 16.82 21.08
C ILE B 260 -2.12 16.43 19.63
N LYS B 261 -2.43 17.40 18.76
CA LYS B 261 -2.51 17.10 17.35
C LYS B 261 -1.12 16.75 16.86
N PHE B 262 -1.06 15.73 16.03
CA PHE B 262 0.19 15.23 15.48
C PHE B 262 0.00 15.30 13.96
N GLY B 263 0.65 16.26 13.33
CA GLY B 263 0.56 16.38 11.89
C GLY B 263 1.28 15.25 11.22
N ILE B 264 0.82 14.88 10.03
CA ILE B 264 1.39 13.73 9.35
C ILE B 264 1.44 13.96 7.85
N HIS B 265 2.44 13.37 7.22
CA HIS B 265 2.56 13.38 5.77
C HIS B 265 2.01 12.07 5.24
N MET B 266 1.61 12.06 3.96
CA MET B 266 1.11 10.83 3.32
C MET B 266 1.72 10.56 1.96
N MET B 267 2.49 11.48 1.40
CA MET B 267 3.29 11.32 0.20
C MET B 267 4.47 12.24 0.37
N PRO B 268 5.55 12.07 -0.42
CA PRO B 268 6.60 13.07 -0.40
C PRO B 268 6.09 14.36 -1.01
N THR B 269 6.48 15.49 -0.41
CA THR B 269 6.14 16.81 -0.94
C THR B 269 7.20 17.80 -0.44
N ARG B 270 7.51 18.81 -1.26
CA ARG B 270 8.41 19.88 -0.85
C ARG B 270 7.71 21.00 -0.09
N ASP B 271 6.37 21.03 -0.11
CA ASP B 271 5.52 21.95 0.65
C ASP B 271 4.99 21.29 1.90
N ASP B 272 5.35 21.82 3.08
CA ASP B 272 4.83 21.22 4.31
C ASP B 272 3.32 21.36 4.49
N TRP B 273 2.61 22.08 3.64
CA TRP B 273 1.18 22.28 3.82
C TRP B 273 0.37 21.55 2.79
N LEU B 274 1.03 21.07 1.74
CA LEU B 274 0.32 20.52 0.61
C LEU B 274 -0.41 19.26 1.02
N THR B 275 -1.61 19.08 0.46
CA THR B 275 -2.46 17.93 0.74
C THR B 275 -3.00 17.43 -0.58
N PRO B 276 -3.26 16.12 -0.71
CA PRO B 276 -3.63 15.55 -2.02
C PRO B 276 -4.89 16.13 -2.64
N TRP B 277 -5.72 16.85 -1.89
CA TRP B 277 -6.85 17.49 -2.54
C TRP B 277 -6.50 18.87 -3.06
N HIS B 278 -5.24 19.25 -2.95
CA HIS B 278 -4.79 20.54 -3.54
C HIS B 278 -3.58 20.27 -4.43
N GLY B 279 -3.30 19.00 -4.72
CA GLY B 279 -2.07 18.66 -5.46
C GLY B 279 -2.22 17.52 -6.46
N VAL B 280 -1.29 17.39 -7.41
CA VAL B 280 -1.32 16.25 -8.38
C VAL B 280 -0.08 15.39 -8.16
N ALA B 281 -0.26 14.06 -8.11
CA ALA B 281 0.89 13.14 -7.94
C ALA B 281 1.82 13.21 -9.15
N ALA B 282 3.14 13.17 -8.92
CA ALA B 282 4.11 13.19 -10.03
C ALA B 282 5.05 11.98 -9.97
N ASN B 283 5.21 11.25 -11.08
CA ASN B 283 6.20 10.14 -11.11
C ASN B 283 7.49 10.73 -11.67
N VAL B 284 8.40 11.14 -10.79
CA VAL B 284 9.59 11.83 -11.27
C VAL B 284 10.80 10.95 -11.00
N ASN B 285 11.39 10.41 -12.06
CA ASN B 285 12.56 9.53 -11.93
C ASN B 285 12.25 8.34 -11.04
N GLY B 286 11.10 7.71 -11.27
CA GLY B 286 10.73 6.59 -10.43
C GLY B 286 10.63 6.95 -8.96
N GLN B 287 9.94 8.07 -8.69
CA GLN B 287 9.57 8.45 -7.32
C GLN B 287 8.36 9.36 -7.36
N PHE B 288 7.32 9.00 -6.61
CA PHE B 288 6.10 9.81 -6.60
C PHE B 288 6.22 11.02 -5.67
N ILE B 289 5.70 12.17 -6.14
CA ILE B 289 5.77 13.41 -5.38
C ILE B 289 4.44 14.17 -5.47
N LEU B 290 4.04 14.80 -4.38
CA LEU B 290 2.89 15.69 -4.33
C LEU B 290 3.32 17.07 -4.79
N MET B 291 2.93 17.46 -5.99
CA MET B 291 3.17 18.83 -6.45
C MET B 291 1.89 19.41 -7.06
N LYS B 292 2.01 20.66 -7.48
CA LYS B 292 0.89 21.43 -8.00
C LYS B 292 0.75 21.15 -9.49
N HIS B 293 -0.49 21.15 -9.99
CA HIS B 293 -0.70 20.80 -11.39
C HIS B 293 0.04 21.74 -12.32
N LYS B 294 -0.11 23.04 -12.10
CA LYS B 294 0.63 24.01 -12.94
C LYS B 294 2.11 23.61 -12.95
N GLU B 295 2.67 23.29 -11.78
CA GLU B 295 4.12 23.03 -11.70
C GLU B 295 4.50 21.83 -12.55
N VAL B 296 3.73 20.76 -12.51
CA VAL B 296 4.17 19.54 -13.28
C VAL B 296 4.18 19.89 -14.77
N GLN B 297 3.18 20.61 -15.24
CA GLN B 297 3.10 20.93 -16.69
C GLN B 297 4.32 21.77 -17.05
N MET B 298 4.67 22.71 -16.18
CA MET B 298 5.80 23.61 -16.50
C MET B 298 7.06 22.76 -16.63
N MET B 299 7.24 21.80 -15.73
CA MET B 299 8.41 20.90 -15.81
C MET B 299 8.05 19.76 -16.76
N GLY B 300 7.93 20.03 -18.05
CA GLY B 300 7.68 18.89 -18.95
C GLY B 300 6.43 18.16 -18.49
N GLY B 301 6.52 16.84 -18.35
CA GLY B 301 5.39 16.09 -17.79
C GLY B 301 4.46 15.53 -18.85
N LYS B 302 3.69 14.50 -18.51
CA LYS B 302 2.78 13.85 -19.48
C LYS B 302 1.62 13.23 -18.72
N LEU B 303 0.41 13.75 -18.93
CA LEU B 303 -0.73 13.18 -18.25
C LEU B 303 -0.88 11.71 -18.65
N VAL B 304 -1.18 10.88 -17.68
CA VAL B 304 -1.46 9.48 -17.90
C VAL B 304 -2.80 9.14 -17.26
N ASN B 305 -3.53 8.24 -17.89
CA ASN B 305 -4.92 7.98 -17.51
C ASN B 305 -5.10 6.54 -17.09
N ILE B 306 -5.86 6.35 -16.03
CA ILE B 306 -6.26 5.04 -15.55
C ILE B 306 -7.78 5.05 -15.52
N HIS B 307 -8.42 3.92 -15.86
CA HIS B 307 -9.88 3.84 -15.97
C HIS B 307 -10.41 4.85 -16.99
N GLY B 308 -9.58 5.23 -17.96
CA GLY B 308 -9.91 6.33 -18.87
C GLY B 308 -10.25 7.64 -18.20
N LYS B 309 -9.54 7.98 -17.11
CA LYS B 309 -9.82 9.25 -16.34
C LYS B 309 -8.37 9.62 -16.03
N PRO B 310 -8.06 10.91 -15.80
CA PRO B 310 -6.65 11.35 -15.61
C PRO B 310 -6.03 11.28 -14.20
N SER B 311 -5.56 10.11 -13.79
CA SER B 311 -4.98 9.92 -12.43
C SER B 311 -3.68 10.67 -12.12
N HIS B 312 -2.69 10.70 -13.02
CA HIS B 312 -1.37 11.25 -12.62
C HIS B 312 -0.48 11.72 -13.78
N TYR B 313 0.61 12.44 -13.47
CA TYR B 313 1.59 12.86 -14.51
C TYR B 313 2.91 12.10 -14.33
N VAL B 314 3.74 12.02 -15.38
CA VAL B 314 5.02 11.33 -15.32
C VAL B 314 6.09 12.27 -15.85
N ILE B 315 7.28 12.17 -15.26
CA ILE B 315 8.46 12.93 -15.64
C ILE B 315 9.69 12.03 -15.70
#